data_1ZC6
#
_entry.id   1ZC6
#
_cell.length_a   178.245
_cell.length_b   178.245
_cell.length_c   117.663
_cell.angle_alpha   90.00
_cell.angle_beta   90.00
_cell.angle_gamma   90.00
#
_symmetry.space_group_name_H-M   'I 4 2 2'
#
loop_
_entity.id
_entity.type
_entity.pdbx_description
1 polymer 'probable N-acetylglucosamine kinase'
2 water water
#
_entity_poly.entity_id   1
_entity_poly.type   'polypeptide(L)'
_entity_poly.pdbx_seq_one_letter_code
;MARQT(MSE)NPSIRYLIGVDGGGTGTRIRLHASDGTPLA(MSE)AEGGASALSQGIAKSWQAVLSTLEAAFQQAGLPAA
PASACAIGLGLSGVHNRQWAGEFESQAPGFARLSLATDGYTTLLGAHGGQPGIIVALGTGSIGEALYPDGSHREAGGWGY
PSGDEASGAWLGQRAAQLTQ(MSE)ALDGRHSHSPLTRAVLDFVGGDWQA(MSE)(MSE)AWNGRATPAQFARLAPLVLS
AARVDPEADALLRQAGEDAWAIARALDPQDELPVALCGGLGQALRDWLPPGFRQRLVAPQGDSAQGALLLLQRPSTRLEH
HHHHH
;
_entity_poly.pdbx_strand_id   A,B
#
# COMPACT_ATOMS: atom_id res chain seq x y z
N PRO A 8 50.66 -9.04 -11.02
CA PRO A 8 51.88 -9.88 -10.84
C PRO A 8 52.16 -10.11 -9.36
N SER A 9 52.38 -9.01 -8.64
CA SER A 9 52.65 -9.05 -7.22
C SER A 9 51.33 -9.36 -6.48
N ILE A 10 50.28 -8.66 -6.87
CA ILE A 10 48.96 -8.85 -6.27
C ILE A 10 48.44 -10.27 -6.49
N ARG A 11 48.14 -10.96 -5.40
CA ARG A 11 47.69 -12.35 -5.45
C ARG A 11 46.28 -12.54 -4.89
N TYR A 12 45.80 -11.56 -4.13
CA TYR A 12 44.46 -11.63 -3.55
C TYR A 12 43.68 -10.35 -3.80
N LEU A 13 42.38 -10.49 -4.04
CA LEU A 13 41.49 -9.34 -4.27
C LEU A 13 40.50 -9.31 -3.12
N ILE A 14 40.43 -8.17 -2.43
CA ILE A 14 39.55 -8.06 -1.27
C ILE A 14 38.40 -7.06 -1.40
N GLY A 15 37.21 -7.51 -1.04
CA GLY A 15 36.05 -6.66 -1.07
C GLY A 15 35.56 -6.43 0.35
N VAL A 16 35.54 -5.18 0.79
CA VAL A 16 35.09 -4.85 2.15
C VAL A 16 33.87 -3.93 2.17
N ASP A 17 32.90 -4.29 3.01
CA ASP A 17 31.71 -3.50 3.20
C ASP A 17 31.62 -3.20 4.69
N GLY A 18 31.87 -1.95 5.05
CA GLY A 18 31.85 -1.60 6.46
C GLY A 18 30.87 -0.52 6.87
N GLY A 19 30.26 -0.71 8.03
CA GLY A 19 29.30 0.23 8.56
C GLY A 19 29.15 0.06 10.07
N GLY A 20 28.07 0.60 10.63
CA GLY A 20 27.84 0.49 12.06
C GLY A 20 27.31 -0.88 12.46
N THR A 21 26.68 -1.56 11.50
CA THR A 21 26.11 -2.88 11.75
C THR A 21 27.17 -3.98 11.76
N GLY A 22 28.28 -3.73 11.05
CA GLY A 22 29.34 -4.72 11.00
C GLY A 22 30.22 -4.53 9.79
N THR A 23 31.03 -5.54 9.52
CA THR A 23 31.95 -5.52 8.39
C THR A 23 31.80 -6.83 7.64
N ARG A 24 31.63 -6.74 6.33
CA ARG A 24 31.50 -7.94 5.53
C ARG A 24 32.65 -7.94 4.53
N ILE A 25 33.26 -9.11 4.36
CA ILE A 25 34.40 -9.23 3.46
C ILE A 25 34.32 -10.39 2.50
N ARG A 26 34.64 -10.11 1.23
CA ARG A 26 34.68 -11.12 0.19
C ARG A 26 36.14 -11.22 -0.27
N LEU A 27 36.74 -12.40 -0.10
CA LEU A 27 38.14 -12.64 -0.47
C LEU A 27 38.27 -13.50 -1.72
N HIS A 28 38.95 -12.98 -2.74
CA HIS A 28 39.14 -13.69 -3.99
C HIS A 28 40.62 -13.75 -4.39
N ALA A 29 40.92 -14.64 -5.33
CA ALA A 29 42.27 -14.78 -5.84
C ALA A 29 42.38 -13.84 -7.02
N SER A 30 43.61 -13.45 -7.36
CA SER A 30 43.86 -12.55 -8.48
C SER A 30 43.14 -12.99 -9.75
N ASP A 31 42.79 -14.26 -9.84
CA ASP A 31 42.11 -14.75 -11.04
C ASP A 31 40.58 -14.82 -10.90
N GLY A 32 40.05 -14.42 -9.75
CA GLY A 32 38.60 -14.44 -9.56
C GLY A 32 38.04 -15.57 -8.72
N THR A 33 38.80 -16.65 -8.57
CA THR A 33 38.35 -17.79 -7.78
C THR A 33 37.89 -17.35 -6.38
N PRO A 34 36.75 -17.88 -5.92
CA PRO A 34 36.24 -17.51 -4.59
C PRO A 34 37.08 -18.18 -3.50
N LEU A 35 37.62 -17.39 -2.58
CA LEU A 35 38.44 -17.95 -1.51
C LEU A 35 37.68 -18.05 -0.20
N ALA A 36 36.94 -17.00 0.15
CA ALA A 36 36.18 -17.02 1.40
C ALA A 36 35.36 -15.75 1.65
N ALA A 38 33.64 -13.57 5.07
CA ALA A 38 33.71 -13.44 6.52
C ALA A 38 33.05 -12.15 7.00
N GLU A 39 32.50 -12.19 8.19
CA GLU A 39 31.85 -11.02 8.77
C GLU A 39 32.52 -10.69 10.10
N GLY A 40 32.68 -9.41 10.37
CA GLY A 40 33.31 -8.98 11.61
C GLY A 40 32.54 -7.89 12.32
N GLY A 41 33.24 -7.12 13.14
CA GLY A 41 32.60 -6.04 13.87
C GLY A 41 32.39 -4.77 13.07
N ALA A 42 31.80 -3.77 13.71
CA ALA A 42 31.52 -2.48 13.10
C ALA A 42 32.80 -1.74 12.72
N SER A 43 32.78 -1.10 11.56
CA SER A 43 33.95 -0.38 11.07
C SER A 43 33.59 1.00 10.50
N ALA A 44 32.45 1.53 10.91
CA ALA A 44 32.04 2.86 10.43
C ALA A 44 33.11 3.85 10.91
N LEU A 45 33.57 4.71 10.01
CA LEU A 45 34.60 5.69 10.34
C LEU A 45 34.22 6.64 11.47
N SER A 46 32.92 6.80 11.70
CA SER A 46 32.43 7.69 12.75
C SER A 46 32.77 7.20 14.15
N GLN A 47 33.11 5.93 14.29
CA GLN A 47 33.44 5.38 15.60
C GLN A 47 34.92 5.24 15.86
N GLY A 48 35.75 5.84 15.01
CA GLY A 48 37.18 5.79 15.18
C GLY A 48 37.91 5.08 14.04
N ILE A 49 38.87 5.77 13.43
CA ILE A 49 39.63 5.19 12.32
C ILE A 49 40.38 3.92 12.72
N ALA A 50 41.11 3.97 13.83
CA ALA A 50 41.87 2.83 14.30
C ALA A 50 40.94 1.66 14.60
N LYS A 51 39.80 1.94 15.22
CA LYS A 51 38.82 0.91 15.55
C LYS A 51 38.32 0.26 14.27
N SER A 52 38.15 1.09 13.23
CA SER A 52 37.67 0.63 11.94
C SER A 52 38.65 -0.37 11.32
N TRP A 53 39.91 0.04 11.23
CA TRP A 53 40.95 -0.81 10.68
C TRP A 53 41.06 -2.14 11.40
N GLN A 54 41.06 -2.12 12.73
CA GLN A 54 41.19 -3.36 13.47
C GLN A 54 40.01 -4.30 13.23
N ALA A 55 38.82 -3.73 13.04
CA ALA A 55 37.64 -4.55 12.76
C ALA A 55 37.80 -5.18 11.37
N VAL A 56 38.22 -4.35 10.40
CA VAL A 56 38.44 -4.81 9.03
C VAL A 56 39.53 -5.88 8.96
N LEU A 57 40.73 -5.53 9.42
CA LEU A 57 41.86 -6.43 9.41
C LEU A 57 41.58 -7.74 10.15
N SER A 58 40.89 -7.65 11.28
CA SER A 58 40.54 -8.83 12.06
C SER A 58 39.58 -9.73 11.27
N THR A 59 38.66 -9.13 10.53
CA THR A 59 37.70 -9.88 9.73
C THR A 59 38.43 -10.49 8.53
N LEU A 60 39.43 -9.77 8.03
CA LEU A 60 40.24 -10.23 6.90
C LEU A 60 41.03 -11.46 7.34
N GLU A 61 41.64 -11.36 8.53
CA GLU A 61 42.44 -12.46 9.04
C GLU A 61 41.58 -13.71 9.15
N ALA A 62 40.32 -13.50 9.54
CA ALA A 62 39.36 -14.61 9.66
C ALA A 62 39.09 -15.22 8.28
N ALA A 63 38.93 -14.35 7.28
CA ALA A 63 38.66 -14.81 5.92
C ALA A 63 39.78 -15.72 5.43
N PHE A 64 41.02 -15.28 5.60
CA PHE A 64 42.15 -16.09 5.17
C PHE A 64 42.13 -17.45 5.89
N GLN A 65 41.78 -17.43 7.17
CA GLN A 65 41.71 -18.68 7.94
C GLN A 65 40.65 -19.65 7.41
N GLN A 66 39.49 -19.14 7.03
CA GLN A 66 38.42 -19.97 6.49
C GLN A 66 38.76 -20.45 5.08
N ALA A 67 39.71 -19.76 4.44
CA ALA A 67 40.14 -20.11 3.10
C ALA A 67 41.20 -21.21 3.13
N GLY A 68 41.58 -21.62 4.34
CA GLY A 68 42.61 -22.64 4.46
C GLY A 68 43.95 -22.13 3.97
N LEU A 69 44.12 -20.80 3.97
CA LEU A 69 45.36 -20.19 3.51
C LEU A 69 46.15 -19.60 4.66
N PRO A 70 47.47 -19.48 4.52
CA PRO A 70 48.29 -18.92 5.59
C PRO A 70 48.16 -17.40 5.62
N ALA A 71 48.39 -16.80 6.80
CA ALA A 71 48.29 -15.36 6.96
C ALA A 71 49.02 -14.69 5.81
N ALA A 72 48.34 -13.77 5.13
CA ALA A 72 48.93 -13.10 3.99
C ALA A 72 49.55 -11.73 4.27
N PRO A 73 50.53 -11.31 3.45
CA PRO A 73 51.21 -10.02 3.59
C PRO A 73 50.40 -8.99 2.81
N ALA A 74 50.35 -7.76 3.29
CA ALA A 74 49.57 -6.74 2.61
C ALA A 74 50.02 -6.51 1.17
N SER A 75 51.34 -6.59 0.96
CA SER A 75 51.90 -6.36 -0.38
C SER A 75 51.34 -7.29 -1.45
N ALA A 76 50.77 -8.42 -1.04
CA ALA A 76 50.21 -9.36 -2.01
C ALA A 76 48.69 -9.16 -2.15
N CYS A 77 48.16 -8.11 -1.52
CA CYS A 77 46.73 -7.86 -1.56
C CYS A 77 46.26 -6.55 -2.18
N ALA A 78 45.17 -6.65 -2.96
CA ALA A 78 44.53 -5.51 -3.60
C ALA A 78 43.18 -5.41 -2.89
N ILE A 79 42.94 -4.30 -2.20
CA ILE A 79 41.71 -4.13 -1.43
C ILE A 79 40.84 -2.92 -1.77
N GLY A 80 39.54 -3.20 -1.94
CA GLY A 80 38.59 -2.15 -2.22
C GLY A 80 37.64 -2.08 -1.03
N LEU A 81 37.37 -0.89 -0.53
CA LEU A 81 36.47 -0.77 0.62
C LEU A 81 35.34 0.25 0.47
N GLY A 82 34.16 -0.14 0.94
CA GLY A 82 33.00 0.73 0.93
C GLY A 82 32.63 0.88 2.39
N LEU A 83 33.03 1.99 3.00
CA LEU A 83 32.75 2.23 4.43
C LEU A 83 31.98 3.53 4.67
N SER A 84 31.16 3.56 5.70
CA SER A 84 30.43 4.77 6.04
C SER A 84 31.47 5.75 6.58
N GLY A 85 31.61 6.88 5.89
CA GLY A 85 32.58 7.89 6.26
C GLY A 85 32.86 8.74 5.02
N VAL A 86 32.14 9.85 4.91
CA VAL A 86 32.25 10.73 3.76
C VAL A 86 33.01 12.04 4.03
N HIS A 87 33.96 11.99 4.97
CA HIS A 87 34.80 13.14 5.29
C HIS A 87 35.99 13.07 4.35
N ASN A 88 35.82 12.35 3.24
CA ASN A 88 36.88 12.13 2.25
C ASN A 88 37.99 13.17 2.33
N ARG A 89 39.21 12.67 2.39
CA ARG A 89 40.42 13.48 2.49
C ARG A 89 40.62 13.94 3.94
N GLN A 90 39.65 13.61 4.80
CA GLN A 90 39.73 13.96 6.22
C GLN A 90 39.69 12.69 7.05
N TRP A 91 38.48 12.19 7.32
CA TRP A 91 38.34 10.94 8.06
C TRP A 91 38.88 9.85 7.15
N ALA A 92 38.48 9.95 5.88
CA ALA A 92 38.90 9.00 4.86
C ALA A 92 40.38 9.21 4.55
N GLY A 93 40.82 10.46 4.63
CA GLY A 93 42.22 10.77 4.37
C GLY A 93 43.07 10.10 5.43
N GLU A 94 42.55 10.09 6.66
CA GLU A 94 43.25 9.47 7.79
C GLU A 94 43.27 7.96 7.60
N PHE A 95 42.11 7.40 7.27
CA PHE A 95 41.98 5.95 7.08
C PHE A 95 43.04 5.47 6.10
N GLU A 96 43.23 6.22 5.02
CA GLU A 96 44.21 5.85 4.01
C GLU A 96 45.63 5.96 4.55
N SER A 97 45.88 6.99 5.36
CA SER A 97 47.19 7.20 5.96
C SER A 97 47.57 6.06 6.90
N GLN A 98 46.62 5.64 7.74
CA GLN A 98 46.86 4.57 8.68
C GLN A 98 46.80 3.18 8.06
N ALA A 99 46.62 3.13 6.74
CA ALA A 99 46.50 1.86 6.02
C ALA A 99 47.78 1.03 5.87
N PRO A 100 47.63 -0.30 5.95
CA PRO A 100 48.78 -1.20 5.80
C PRO A 100 49.31 -1.03 4.39
N GLY A 101 50.50 -1.56 4.12
CA GLY A 101 51.08 -1.42 2.79
C GLY A 101 50.51 -2.33 1.73
N PHE A 102 49.22 -2.19 1.41
CA PHE A 102 48.61 -3.03 0.38
C PHE A 102 49.19 -2.71 -0.98
N ALA A 103 49.11 -3.66 -1.91
CA ALA A 103 49.61 -3.46 -3.26
C ALA A 103 48.85 -2.30 -3.87
N ARG A 104 47.57 -2.18 -3.50
CA ARG A 104 46.72 -1.10 -3.96
C ARG A 104 45.45 -1.07 -3.12
N LEU A 105 45.03 0.14 -2.77
CA LEU A 105 43.84 0.33 -1.96
C LEU A 105 42.94 1.36 -2.60
N SER A 106 41.63 1.09 -2.55
CA SER A 106 40.65 2.01 -3.13
C SER A 106 39.53 2.20 -2.11
N LEU A 107 39.33 3.44 -1.67
CA LEU A 107 38.33 3.78 -0.68
C LEU A 107 37.14 4.51 -1.28
N ALA A 108 35.97 4.28 -0.70
CA ALA A 108 34.72 4.91 -1.13
C ALA A 108 33.64 4.63 -0.07
N THR A 109 32.50 5.32 -0.19
CA THR A 109 31.42 5.13 0.77
C THR A 109 30.75 3.77 0.52
N ASP A 110 30.04 3.27 1.53
CA ASP A 110 29.34 2.01 1.38
C ASP A 110 28.16 2.19 0.42
N GLY A 111 27.75 3.45 0.24
CA GLY A 111 26.66 3.74 -0.66
C GLY A 111 27.12 3.54 -2.09
N TYR A 112 28.32 4.01 -2.40
CA TYR A 112 28.85 3.86 -3.75
C TYR A 112 29.12 2.39 -4.10
N THR A 113 29.67 1.61 -3.17
CA THR A 113 29.92 0.20 -3.44
C THR A 113 28.60 -0.55 -3.55
N THR A 114 27.59 -0.08 -2.83
CA THR A 114 26.28 -0.71 -2.91
C THR A 114 25.76 -0.44 -4.32
N LEU A 115 26.12 0.73 -4.84
CA LEU A 115 25.72 1.17 -6.17
C LEU A 115 26.35 0.27 -7.23
N LEU A 116 27.68 0.17 -7.19
CA LEU A 116 28.42 -0.65 -8.15
C LEU A 116 27.93 -2.09 -8.12
N GLY A 117 27.76 -2.63 -6.93
CA GLY A 117 27.31 -4.00 -6.80
C GLY A 117 25.91 -4.27 -7.34
N ALA A 118 25.00 -3.34 -7.07
CA ALA A 118 23.62 -3.45 -7.51
C ALA A 118 23.48 -3.58 -9.01
N HIS A 119 24.24 -2.77 -9.75
CA HIS A 119 24.17 -2.79 -11.20
C HIS A 119 25.47 -3.26 -11.85
N GLY A 120 26.31 -3.94 -11.06
CA GLY A 120 27.57 -4.45 -11.57
C GLY A 120 28.40 -3.46 -12.38
N GLY A 121 28.47 -2.22 -11.91
CA GLY A 121 29.25 -1.21 -12.60
C GLY A 121 28.58 -0.47 -13.75
N GLN A 122 27.37 -0.89 -14.11
CA GLN A 122 26.64 -0.23 -15.19
C GLN A 122 25.91 1.00 -14.68
N PRO A 123 25.46 1.89 -15.58
CA PRO A 123 24.76 3.07 -15.09
C PRO A 123 23.48 2.63 -14.39
N GLY A 124 23.06 3.37 -13.38
CA GLY A 124 21.84 3.02 -12.67
C GLY A 124 21.78 3.74 -11.33
N ILE A 125 20.68 3.56 -10.61
CA ILE A 125 20.58 4.21 -9.32
C ILE A 125 20.13 3.23 -8.25
N ILE A 126 20.43 3.55 -7.00
CA ILE A 126 20.01 2.71 -5.90
C ILE A 126 19.52 3.62 -4.80
N VAL A 127 18.74 3.05 -3.89
CA VAL A 127 18.23 3.73 -2.72
C VAL A 127 18.50 2.68 -1.66
N ALA A 128 19.34 3.02 -0.70
CA ALA A 128 19.69 2.08 0.36
C ALA A 128 19.09 2.46 1.68
N LEU A 129 18.24 1.59 2.20
CA LEU A 129 17.57 1.82 3.47
C LEU A 129 18.12 0.87 4.53
N GLY A 130 18.70 1.47 5.58
CA GLY A 130 19.23 0.69 6.68
C GLY A 130 18.98 1.54 7.91
N THR A 131 19.97 1.64 8.78
CA THR A 131 19.83 2.47 9.97
C THR A 131 19.68 3.91 9.46
N GLY A 132 20.34 4.18 8.32
CA GLY A 132 20.27 5.48 7.70
C GLY A 132 19.79 5.24 6.28
N SER A 133 19.85 6.26 5.43
CA SER A 133 19.39 6.09 4.06
C SER A 133 20.11 7.05 3.14
N ILE A 134 20.14 6.70 1.86
CA ILE A 134 20.77 7.55 0.87
C ILE A 134 20.48 7.01 -0.51
N GLY A 135 20.61 7.87 -1.50
CA GLY A 135 20.39 7.45 -2.87
C GLY A 135 21.64 7.80 -3.64
N GLU A 136 22.04 6.93 -4.55
CA GLU A 136 23.24 7.17 -5.36
C GLU A 136 22.93 6.81 -6.80
N ALA A 137 23.58 7.50 -7.73
CA ALA A 137 23.39 7.24 -9.14
C ALA A 137 24.69 7.35 -9.92
N LEU A 138 24.79 6.54 -10.96
CA LEU A 138 25.93 6.53 -11.85
C LEU A 138 25.30 6.67 -13.24
N TYR A 139 25.67 7.72 -13.96
CA TYR A 139 25.11 7.96 -15.28
C TYR A 139 26.02 7.51 -16.41
N PRO A 140 25.47 7.41 -17.63
CA PRO A 140 26.25 6.98 -18.80
C PRO A 140 27.51 7.79 -19.08
N ASP A 141 27.52 9.06 -18.67
CA ASP A 141 28.68 9.91 -18.88
C ASP A 141 29.74 9.65 -17.80
N GLY A 142 29.52 8.60 -17.01
CA GLY A 142 30.45 8.27 -15.95
C GLY A 142 30.28 9.12 -14.71
N SER A 143 29.40 10.11 -14.79
CA SER A 143 29.15 11.00 -13.66
C SER A 143 28.54 10.27 -12.46
N HIS A 144 28.60 10.91 -11.30
CA HIS A 144 28.05 10.38 -10.07
C HIS A 144 27.27 11.47 -9.33
N ARG A 145 26.20 11.07 -8.68
CA ARG A 145 25.36 11.98 -7.93
C ARG A 145 24.69 11.24 -6.79
N GLU A 146 24.22 11.97 -5.80
CA GLU A 146 23.52 11.36 -4.70
C GLU A 146 22.43 12.31 -4.18
N ALA A 147 21.47 11.73 -3.47
CA ALA A 147 20.36 12.48 -2.89
C ALA A 147 20.08 11.84 -1.55
N GLY A 148 19.49 12.60 -0.65
CA GLY A 148 19.23 12.05 0.68
C GLY A 148 20.59 11.83 1.31
N GLY A 149 20.64 11.04 2.37
CA GLY A 149 21.91 10.79 3.01
C GLY A 149 22.56 12.02 3.63
N TRP A 150 21.79 12.87 4.30
CA TRP A 150 22.35 14.05 4.93
C TRP A 150 22.65 13.76 6.39
N GLY A 151 22.17 12.61 6.85
CA GLY A 151 22.40 12.19 8.21
C GLY A 151 21.31 12.54 9.20
N TYR A 152 21.26 11.73 10.25
CA TYR A 152 20.33 11.85 11.35
C TYR A 152 20.63 13.15 12.11
N PRO A 153 19.61 13.78 12.70
CA PRO A 153 18.20 13.39 12.73
C PRO A 153 17.33 14.16 11.71
N SER A 154 17.89 15.20 11.12
CA SER A 154 17.16 16.01 10.15
C SER A 154 16.92 15.27 8.84
N GLY A 155 17.86 14.41 8.47
CA GLY A 155 17.74 13.66 7.23
C GLY A 155 17.39 12.20 7.42
N ASP A 156 18.05 11.34 6.65
CA ASP A 156 17.82 9.89 6.71
C ASP A 156 16.34 9.50 6.69
N GLU A 157 15.61 10.03 5.71
CA GLU A 157 14.20 9.71 5.56
C GLU A 157 14.07 8.25 5.12
N ALA A 158 12.97 7.62 5.51
CA ALA A 158 12.71 6.23 5.14
C ALA A 158 13.73 5.24 5.71
N SER A 159 14.45 5.65 6.74
CA SER A 159 15.44 4.79 7.35
C SER A 159 14.92 4.14 8.63
N GLY A 160 15.73 3.23 9.18
CA GLY A 160 15.35 2.54 10.41
C GLY A 160 15.30 3.52 11.56
N ALA A 161 16.24 4.45 11.59
CA ALA A 161 16.25 5.45 12.66
C ALA A 161 15.03 6.38 12.48
N TRP A 162 14.70 6.70 11.24
CA TRP A 162 13.55 7.57 10.98
C TRP A 162 12.32 6.89 11.58
N LEU A 163 12.03 5.68 11.14
CA LEU A 163 10.88 4.92 11.64
C LEU A 163 10.86 4.84 13.17
N GLY A 164 12.02 4.62 13.76
CA GLY A 164 12.11 4.50 15.21
C GLY A 164 11.78 5.77 15.97
N GLN A 165 12.27 6.91 15.47
CA GLN A 165 11.99 8.18 16.13
C GLN A 165 10.49 8.41 16.22
N ARG A 166 9.80 8.23 15.10
CA ARG A 166 8.36 8.42 15.08
C ARG A 166 7.65 7.41 15.97
N ALA A 167 8.12 6.17 15.98
CA ALA A 167 7.50 5.16 16.83
C ALA A 167 7.68 5.55 18.29
N ALA A 168 8.85 6.10 18.61
CA ALA A 168 9.15 6.52 19.96
C ALA A 168 8.32 7.73 20.35
N GLN A 169 8.17 8.66 19.41
CA GLN A 169 7.40 9.87 19.67
C GLN A 169 5.92 9.54 19.91
N LEU A 170 5.38 8.63 19.12
CA LEU A 170 3.97 8.27 19.31
C LEU A 170 3.79 7.65 20.69
N THR A 171 4.80 6.91 21.14
CA THR A 171 4.74 6.25 22.44
C THR A 171 4.84 7.29 23.55
N GLN A 172 5.64 8.32 23.33
CA GLN A 172 5.77 9.38 24.31
C GLN A 172 4.43 10.10 24.43
N ALA A 174 1.46 8.87 23.78
CA ALA A 174 0.50 7.99 24.44
C ALA A 174 0.72 8.06 25.94
N LEU A 175 1.99 8.05 26.33
CA LEU A 175 2.41 8.11 27.72
C LEU A 175 1.94 9.38 28.45
N ASP A 176 2.08 10.55 27.84
CA ASP A 176 1.65 11.77 28.52
C ASP A 176 0.25 12.29 28.21
N GLY A 177 -0.54 11.50 27.49
CA GLY A 177 -1.92 11.90 27.22
C GLY A 177 -2.30 12.65 25.96
N ARG A 178 -1.35 13.01 25.11
CA ARG A 178 -1.73 13.72 23.90
C ARG A 178 -1.97 12.79 22.73
N HIS A 179 -2.13 11.49 23.04
CA HIS A 179 -2.38 10.49 22.02
C HIS A 179 -2.86 9.24 22.71
N SER A 180 -3.64 8.42 22.00
CA SER A 180 -4.14 7.18 22.58
C SER A 180 -3.10 6.10 22.38
N HIS A 181 -3.14 5.09 23.24
CA HIS A 181 -2.23 3.97 23.08
C HIS A 181 -2.76 3.17 21.90
N SER A 182 -1.85 2.49 21.20
CA SER A 182 -2.23 1.67 20.06
C SER A 182 -1.26 0.48 20.06
N PRO A 183 -1.47 -0.48 19.14
CA PRO A 183 -0.57 -1.62 19.11
C PRO A 183 0.93 -1.26 19.06
N LEU A 184 1.27 -0.24 18.28
CA LEU A 184 2.65 0.20 18.15
C LEU A 184 3.20 0.72 19.48
N THR A 185 2.50 1.68 20.09
CA THR A 185 2.96 2.26 21.34
C THR A 185 3.07 1.21 22.45
N ARG A 186 2.16 0.25 22.48
CA ARG A 186 2.24 -0.80 23.50
C ARG A 186 3.50 -1.64 23.25
N ALA A 187 3.75 -1.95 21.98
CA ALA A 187 4.93 -2.74 21.63
C ALA A 187 6.20 -2.00 22.03
N VAL A 188 6.33 -0.74 21.59
CA VAL A 188 7.50 0.07 21.90
C VAL A 188 7.66 0.31 23.41
N LEU A 189 6.57 0.58 24.11
CA LEU A 189 6.64 0.82 25.54
C LEU A 189 7.23 -0.41 26.22
N ASP A 190 6.65 -1.57 25.90
CA ASP A 190 7.11 -2.84 26.46
C ASP A 190 8.58 -3.10 26.11
N PHE A 191 8.94 -2.84 24.87
CA PHE A 191 10.29 -3.04 24.40
C PHE A 191 11.29 -2.14 25.12
N VAL A 192 10.83 -0.96 25.51
CA VAL A 192 11.70 0.02 26.17
C VAL A 192 11.84 -0.12 27.68
N GLY A 193 10.87 -0.75 28.34
CA GLY A 193 10.97 -0.88 29.77
C GLY A 193 9.63 -0.99 30.47
N GLY A 194 8.56 -0.72 29.73
CA GLY A 194 7.22 -0.83 30.28
C GLY A 194 6.62 0.36 30.99
N ASP A 195 7.37 1.43 31.17
CA ASP A 195 6.82 2.61 31.84
C ASP A 195 7.49 3.92 31.50
N TRP A 196 6.98 4.99 32.10
CA TRP A 196 7.48 6.34 31.89
C TRP A 196 9.00 6.42 32.00
N GLN A 197 9.50 6.17 33.21
CA GLN A 197 10.91 6.20 33.53
C GLN A 197 11.75 5.43 32.51
N ALA A 198 11.24 4.29 32.06
CA ALA A 198 11.97 3.47 31.10
C ALA A 198 12.15 4.23 29.78
N ALA A 201 14.41 7.24 30.10
CA ALA A 201 15.81 6.82 30.17
C ALA A 201 16.28 6.34 28.80
N TRP A 202 15.50 5.48 28.17
CA TRP A 202 15.84 4.94 26.86
C TRP A 202 16.05 6.04 25.82
N ASN A 203 15.17 7.03 25.81
CA ASN A 203 15.26 8.12 24.86
C ASN A 203 16.39 9.09 25.21
N GLY A 204 16.81 9.05 26.47
CA GLY A 204 17.89 9.92 26.93
C GLY A 204 19.24 9.51 26.35
N ARG A 205 19.44 8.23 26.13
CA ARG A 205 20.69 7.73 25.56
C ARG A 205 20.47 7.19 24.16
N ALA A 206 19.41 7.64 23.52
CA ALA A 206 19.05 7.21 22.18
C ALA A 206 20.05 7.61 21.09
N THR A 207 20.28 6.70 20.15
CA THR A 207 21.18 6.93 19.02
C THR A 207 20.50 6.35 17.78
N PRO A 208 21.01 6.68 16.59
CA PRO A 208 20.39 6.14 15.38
C PRO A 208 20.18 4.63 15.42
N ALA A 209 21.20 3.90 15.86
CA ALA A 209 21.11 2.44 15.94
C ALA A 209 20.05 1.99 16.94
N GLN A 210 19.86 2.76 18.00
CA GLN A 210 18.87 2.43 19.02
C GLN A 210 17.45 2.62 18.48
N PHE A 211 17.23 3.69 17.71
CA PHE A 211 15.92 3.95 17.15
C PHE A 211 15.61 2.90 16.10
N ALA A 212 16.63 2.56 15.30
CA ALA A 212 16.46 1.56 14.25
C ALA A 212 16.00 0.23 14.84
N ARG A 213 16.38 -0.03 16.09
CA ARG A 213 15.97 -1.27 16.75
C ARG A 213 14.46 -1.32 16.90
N LEU A 214 13.81 -0.16 16.79
CA LEU A 214 12.35 -0.10 16.92
C LEU A 214 11.67 -0.35 15.58
N ALA A 215 12.44 -0.24 14.50
CA ALA A 215 11.92 -0.44 13.15
C ALA A 215 11.12 -1.73 12.97
N PRO A 216 11.65 -2.87 13.44
CA PRO A 216 10.89 -4.11 13.27
C PRO A 216 9.57 -4.08 14.05
N LEU A 217 9.50 -3.25 15.08
CA LEU A 217 8.26 -3.13 15.84
C LEU A 217 7.21 -2.41 14.98
N VAL A 218 7.68 -1.48 14.15
CA VAL A 218 6.78 -0.74 13.28
C VAL A 218 6.30 -1.68 12.17
N LEU A 219 7.23 -2.43 11.59
CA LEU A 219 6.91 -3.37 10.52
C LEU A 219 5.86 -4.38 10.98
N SER A 220 6.00 -4.90 12.19
CA SER A 220 5.05 -5.88 12.70
C SER A 220 3.68 -5.26 12.97
N ALA A 221 3.68 -4.17 13.73
CA ALA A 221 2.45 -3.48 14.09
C ALA A 221 1.66 -2.89 12.90
N ALA A 222 2.34 -2.64 11.79
CA ALA A 222 1.70 -2.07 10.61
C ALA A 222 0.49 -2.87 10.15
N ARG A 223 0.52 -4.19 10.37
CA ARG A 223 -0.60 -5.03 9.96
C ARG A 223 -1.87 -4.83 10.78
N VAL A 224 -1.76 -4.25 11.98
CA VAL A 224 -2.95 -4.01 12.79
C VAL A 224 -3.09 -2.56 13.27
N ASP A 225 -2.08 -1.74 13.01
CA ASP A 225 -2.10 -0.34 13.44
C ASP A 225 -1.97 0.63 12.27
N PRO A 226 -3.01 1.44 12.02
CA PRO A 226 -2.94 2.39 10.90
C PRO A 226 -1.81 3.42 11.05
N GLU A 227 -1.39 3.71 12.28
CA GLU A 227 -0.31 4.67 12.50
C GLU A 227 0.97 4.11 11.86
N ALA A 228 1.33 2.88 12.27
CA ALA A 228 2.53 2.22 11.75
C ALA A 228 2.48 2.03 10.25
N ASP A 229 1.31 1.64 9.73
CA ASP A 229 1.11 1.42 8.31
C ASP A 229 1.38 2.74 7.57
N ALA A 230 1.00 3.85 8.21
CA ALA A 230 1.19 5.18 7.61
C ALA A 230 2.67 5.55 7.52
N LEU A 231 3.42 5.25 8.58
CA LEU A 231 4.86 5.54 8.60
C LEU A 231 5.55 4.74 7.50
N LEU A 232 5.26 3.44 7.42
CA LEU A 232 5.88 2.59 6.41
C LEU A 232 5.55 3.13 5.02
N ARG A 233 4.30 3.52 4.83
CA ARG A 233 3.90 4.08 3.54
C ARG A 233 4.65 5.39 3.28
N GLN A 234 4.86 6.19 4.32
CA GLN A 234 5.60 7.44 4.16
C GLN A 234 7.03 7.12 3.72
N ALA A 235 7.63 6.09 4.34
CA ALA A 235 8.98 5.68 3.98
C ALA A 235 9.01 5.33 2.49
N GLY A 236 8.01 4.56 2.05
CA GLY A 236 7.95 4.19 0.65
C GLY A 236 7.90 5.39 -0.29
N GLU A 237 7.15 6.41 0.10
CA GLU A 237 7.02 7.62 -0.70
C GLU A 237 8.36 8.36 -0.71
N ASP A 238 8.98 8.47 0.46
CA ASP A 238 10.27 9.15 0.54
C ASP A 238 11.31 8.44 -0.32
N ALA A 239 11.27 7.11 -0.36
CA ALA A 239 12.24 6.36 -1.16
C ALA A 239 12.09 6.70 -2.64
N TRP A 240 10.84 6.67 -3.11
CA TRP A 240 10.54 7.00 -4.50
C TRP A 240 11.02 8.43 -4.79
N ALA A 241 10.76 9.34 -3.84
CA ALA A 241 11.17 10.73 -3.98
C ALA A 241 12.69 10.81 -4.19
N ILE A 242 13.44 10.05 -3.38
CA ILE A 242 14.91 10.01 -3.49
C ILE A 242 15.31 9.64 -4.91
N ALA A 243 14.74 8.55 -5.40
CA ALA A 243 15.04 8.06 -6.74
C ALA A 243 14.68 9.03 -7.84
N ARG A 244 13.53 9.70 -7.70
CA ARG A 244 13.10 10.64 -8.73
C ARG A 244 13.99 11.85 -8.86
N ALA A 245 14.59 12.27 -7.75
CA ALA A 245 15.48 13.41 -7.78
C ALA A 245 16.73 13.08 -8.61
N LEU A 246 17.14 11.81 -8.58
CA LEU A 246 18.34 11.36 -9.31
C LEU A 246 18.05 11.01 -10.76
N ASP A 247 16.80 10.70 -11.07
CA ASP A 247 16.45 10.32 -12.43
C ASP A 247 14.99 10.69 -12.71
N PRO A 248 14.71 12.00 -12.84
CA PRO A 248 13.38 12.57 -13.10
C PRO A 248 12.58 11.85 -14.20
N GLN A 249 13.26 11.42 -15.24
CA GLN A 249 12.60 10.76 -16.37
C GLN A 249 12.62 9.23 -16.35
N ASP A 250 13.03 8.63 -15.24
CA ASP A 250 13.10 7.18 -15.10
C ASP A 250 13.79 6.52 -16.30
N GLU A 251 15.01 6.95 -16.61
CA GLU A 251 15.72 6.38 -17.73
C GLU A 251 16.74 5.35 -17.29
N LEU A 252 17.03 5.29 -15.99
CA LEU A 252 18.02 4.36 -15.47
C LEU A 252 17.42 3.25 -14.61
N PRO A 253 18.09 2.08 -14.57
CA PRO A 253 17.66 0.92 -13.79
C PRO A 253 17.69 1.37 -12.32
N VAL A 254 16.80 0.83 -11.49
CA VAL A 254 16.77 1.22 -10.08
C VAL A 254 16.64 0.01 -9.18
N ALA A 255 17.36 0.03 -8.06
CA ALA A 255 17.31 -1.06 -7.12
C ALA A 255 17.16 -0.52 -5.71
N LEU A 256 16.39 -1.22 -4.91
CA LEU A 256 16.16 -0.85 -3.52
C LEU A 256 17.02 -1.82 -2.71
N CYS A 257 17.99 -1.30 -1.98
CA CYS A 257 18.89 -2.15 -1.20
C CYS A 257 18.72 -2.00 0.30
N GLY A 258 19.24 -2.97 1.05
CA GLY A 258 19.14 -2.92 2.49
C GLY A 258 18.04 -3.83 3.01
N GLY A 259 18.20 -4.32 4.24
CA GLY A 259 17.20 -5.19 4.82
C GLY A 259 15.86 -4.49 4.93
N LEU A 260 15.91 -3.22 5.29
CA LEU A 260 14.71 -2.41 5.44
C LEU A 260 14.05 -2.29 4.07
N GLY A 261 14.87 -2.10 3.05
CA GLY A 261 14.37 -1.98 1.70
C GLY A 261 13.52 -3.15 1.28
N GLN A 262 13.94 -4.35 1.67
CA GLN A 262 13.20 -5.56 1.33
C GLN A 262 11.93 -5.70 2.17
N ALA A 263 11.97 -5.23 3.40
CA ALA A 263 10.82 -5.33 4.27
C ALA A 263 9.69 -4.38 3.89
N LEU A 264 10.03 -3.29 3.20
CA LEU A 264 9.07 -2.29 2.78
C LEU A 264 8.31 -2.59 1.49
N ARG A 265 8.65 -3.68 0.82
CA ARG A 265 8.02 -4.03 -0.45
C ARG A 265 6.53 -3.69 -0.61
N ASP A 266 5.70 -4.19 0.29
CA ASP A 266 4.25 -3.96 0.20
C ASP A 266 3.78 -2.53 0.43
N TRP A 267 4.65 -1.69 0.99
CA TRP A 267 4.28 -0.32 1.27
C TRP A 267 4.83 0.65 0.23
N LEU A 268 5.54 0.12 -0.74
CA LEU A 268 6.14 0.91 -1.81
C LEU A 268 5.10 1.34 -2.80
N PRO A 269 5.27 2.51 -3.42
CA PRO A 269 4.28 2.95 -4.39
C PRO A 269 4.35 1.93 -5.54
N PRO A 270 3.20 1.34 -5.91
CA PRO A 270 3.14 0.34 -6.99
C PRO A 270 3.98 0.62 -8.24
N GLY A 271 3.96 1.85 -8.71
CA GLY A 271 4.70 2.21 -9.92
C GLY A 271 6.20 2.13 -9.78
N PHE A 272 6.67 2.48 -8.59
CA PHE A 272 8.10 2.44 -8.26
C PHE A 272 8.50 0.97 -8.16
N ARG A 273 7.75 0.22 -7.35
CA ARG A 273 7.97 -1.20 -7.13
C ARG A 273 8.02 -1.98 -8.45
N GLN A 274 7.11 -1.66 -9.38
CA GLN A 274 7.10 -2.35 -10.66
C GLN A 274 8.34 -2.08 -11.50
N ARG A 275 8.87 -0.86 -11.37
CA ARG A 275 10.04 -0.45 -12.13
C ARG A 275 11.32 -1.04 -11.53
N LEU A 276 11.23 -1.41 -10.26
CA LEU A 276 12.34 -1.94 -9.49
C LEU A 276 13.01 -3.19 -10.09
N VAL A 277 14.33 -3.22 -9.98
CA VAL A 277 15.10 -4.35 -10.45
C VAL A 277 15.90 -4.76 -9.21
N ALA A 278 16.26 -6.04 -9.10
CA ALA A 278 17.00 -6.48 -7.91
C ALA A 278 18.51 -6.23 -8.02
N PRO A 279 19.17 -5.95 -6.88
CA PRO A 279 20.62 -5.71 -6.85
C PRO A 279 21.36 -6.97 -7.30
N GLN A 280 22.18 -6.85 -8.34
CA GLN A 280 22.97 -7.97 -8.84
C GLN A 280 23.91 -8.49 -7.75
N GLY A 281 24.66 -7.58 -7.13
CA GLY A 281 25.59 -7.97 -6.09
C GLY A 281 25.50 -7.05 -4.89
N ASP A 282 26.00 -7.50 -3.74
CA ASP A 282 25.98 -6.69 -2.53
C ASP A 282 27.11 -5.67 -2.50
N SER A 283 27.23 -4.95 -1.39
CA SER A 283 28.25 -3.92 -1.24
C SER A 283 29.69 -4.46 -1.34
N ALA A 284 29.94 -5.60 -0.72
CA ALA A 284 31.27 -6.20 -0.76
C ALA A 284 31.62 -6.54 -2.21
N GLN A 285 30.64 -7.06 -2.96
CA GLN A 285 30.88 -7.39 -4.36
C GLN A 285 31.15 -6.12 -5.17
N GLY A 286 30.55 -5.00 -4.73
CA GLY A 286 30.76 -3.75 -5.43
C GLY A 286 32.14 -3.23 -5.08
N ALA A 287 32.60 -3.55 -3.87
CA ALA A 287 33.92 -3.13 -3.40
C ALA A 287 34.98 -3.73 -4.32
N LEU A 288 34.80 -5.01 -4.66
CA LEU A 288 35.74 -5.68 -5.57
C LEU A 288 35.75 -4.95 -6.92
N LEU A 289 34.57 -4.64 -7.44
CA LEU A 289 34.48 -3.95 -8.72
C LEU A 289 35.18 -2.60 -8.67
N LEU A 290 35.18 -2.00 -7.49
CA LEU A 290 35.79 -0.70 -7.25
C LEU A 290 37.25 -0.68 -7.67
N LEU A 291 37.96 -1.77 -7.42
CA LEU A 291 39.37 -1.87 -7.77
C LEU A 291 39.61 -2.48 -9.14
N GLN A 292 38.63 -2.30 -10.04
CA GLN A 292 38.73 -2.82 -11.39
C GLN A 292 38.11 -1.86 -12.41
N ARG B 3 -39.56 -31.44 1.78
CA ARG B 3 -40.25 -31.44 0.45
C ARG B 3 -41.29 -30.33 0.36
N GLN B 4 -42.16 -30.22 1.36
CA GLN B 4 -43.18 -29.17 1.36
C GLN B 4 -42.58 -27.80 1.62
N THR B 5 -43.24 -26.78 1.09
CA THR B 5 -42.79 -25.40 1.25
C THR B 5 -43.81 -24.65 2.11
N ASN B 7 -46.14 -21.51 3.49
CA ASN B 7 -46.95 -20.51 2.82
C ASN B 7 -47.22 -20.98 1.39
N PRO B 8 -48.06 -22.03 1.24
CA PRO B 8 -48.38 -22.57 -0.08
C PRO B 8 -48.93 -21.56 -1.11
N SER B 9 -49.33 -20.38 -0.66
CA SER B 9 -49.86 -19.38 -1.58
C SER B 9 -48.73 -18.67 -2.32
N ILE B 10 -47.54 -18.71 -1.72
CA ILE B 10 -46.37 -18.08 -2.32
C ILE B 10 -45.65 -19.13 -3.15
N ARG B 11 -45.58 -18.90 -4.46
CA ARG B 11 -44.97 -19.87 -5.36
C ARG B 11 -43.59 -19.43 -5.90
N TYR B 12 -43.31 -18.13 -5.85
CA TYR B 12 -42.03 -17.62 -6.35
C TYR B 12 -41.31 -16.69 -5.38
N LEU B 13 -39.98 -16.83 -5.34
CA LEU B 13 -39.12 -16.01 -4.48
C LEU B 13 -38.23 -15.16 -5.40
N ILE B 14 -38.32 -13.83 -5.24
CA ILE B 14 -37.57 -12.89 -6.07
C ILE B 14 -36.58 -12.01 -5.32
N GLY B 15 -35.35 -11.94 -5.84
CA GLY B 15 -34.31 -11.12 -5.24
C GLY B 15 -33.91 -10.01 -6.21
N VAL B 16 -34.02 -8.76 -5.77
CA VAL B 16 -33.69 -7.64 -6.64
C VAL B 16 -32.58 -6.72 -6.14
N ASP B 17 -31.60 -6.48 -7.01
CA ASP B 17 -30.49 -5.58 -6.72
C ASP B 17 -30.58 -4.45 -7.72
N GLY B 18 -30.77 -3.22 -7.24
CA GLY B 18 -30.86 -2.10 -8.16
C GLY B 18 -30.13 -0.86 -7.73
N GLY B 19 -29.48 -0.17 -8.67
CA GLY B 19 -28.77 1.03 -8.28
C GLY B 19 -27.94 1.78 -9.30
N GLY B 20 -28.34 3.01 -9.55
CA GLY B 20 -27.62 3.89 -10.46
C GLY B 20 -27.55 3.51 -11.93
N THR B 21 -26.91 2.39 -12.22
CA THR B 21 -26.74 1.96 -13.61
C THR B 21 -27.64 0.82 -14.09
N GLY B 22 -28.05 -0.06 -13.19
CA GLY B 22 -28.90 -1.16 -13.61
C GLY B 22 -29.60 -1.94 -12.51
N THR B 23 -30.35 -2.95 -12.93
CA THR B 23 -31.09 -3.80 -12.01
C THR B 23 -30.85 -5.26 -12.33
N ARG B 24 -30.55 -6.06 -11.31
CA ARG B 24 -30.34 -7.48 -11.49
C ARG B 24 -31.36 -8.24 -10.64
N ILE B 25 -32.06 -9.17 -11.26
CA ILE B 25 -33.08 -9.94 -10.57
C ILE B 25 -32.82 -11.42 -10.66
N ARG B 26 -32.96 -12.11 -9.52
CA ARG B 26 -32.79 -13.55 -9.47
C ARG B 26 -34.15 -14.14 -9.12
N LEU B 27 -34.70 -14.93 -10.04
CA LEU B 27 -36.01 -15.55 -9.85
C LEU B 27 -35.87 -17.00 -9.42
N HIS B 28 -36.46 -17.33 -8.28
CA HIS B 28 -36.41 -18.68 -7.73
C HIS B 28 -37.80 -19.25 -7.50
N ALA B 29 -37.87 -20.57 -7.34
CA ALA B 29 -39.12 -21.25 -7.05
C ALA B 29 -39.23 -21.25 -5.53
N SER B 30 -40.44 -21.33 -5.01
CA SER B 30 -40.62 -21.33 -3.56
C SER B 30 -39.75 -22.38 -2.85
N ASP B 31 -39.39 -23.45 -3.55
CA ASP B 31 -38.56 -24.48 -2.95
C ASP B 31 -37.07 -24.17 -2.99
N GLY B 32 -36.71 -23.07 -3.65
CA GLY B 32 -35.31 -22.67 -3.73
C GLY B 32 -34.64 -22.92 -5.08
N THR B 33 -35.36 -23.58 -5.98
CA THR B 33 -34.83 -23.89 -7.30
C THR B 33 -34.63 -22.64 -8.16
N PRO B 34 -33.38 -22.37 -8.54
CA PRO B 34 -33.07 -21.20 -9.37
C PRO B 34 -33.75 -21.33 -10.73
N LEU B 35 -34.71 -20.45 -11.00
CA LEU B 35 -35.43 -20.49 -12.28
C LEU B 35 -34.72 -19.65 -13.33
N ALA B 36 -34.56 -18.36 -13.07
CA ALA B 36 -33.89 -17.49 -14.02
C ALA B 36 -33.09 -16.36 -13.35
N ALA B 38 -31.95 -12.21 -14.52
CA ALA B 38 -32.03 -11.20 -15.55
C ALA B 38 -31.53 -9.81 -15.16
N GLU B 39 -31.22 -9.00 -16.16
CA GLU B 39 -30.74 -7.64 -15.94
C GLU B 39 -31.65 -6.65 -16.64
N GLY B 40 -31.67 -5.40 -16.16
CA GLY B 40 -32.52 -4.39 -16.76
C GLY B 40 -32.02 -2.99 -16.41
N GLY B 41 -32.83 -1.98 -16.70
CA GLY B 41 -32.46 -0.60 -16.44
C GLY B 41 -32.21 -0.25 -14.99
N ALA B 42 -31.77 0.99 -14.75
CA ALA B 42 -31.49 1.45 -13.40
C ALA B 42 -32.77 1.63 -12.58
N SER B 43 -32.66 1.47 -11.26
CA SER B 43 -33.81 1.61 -10.41
C SER B 43 -33.52 2.30 -9.09
N ALA B 44 -32.41 3.04 -9.03
CA ALA B 44 -32.06 3.80 -7.83
C ALA B 44 -33.27 4.70 -7.54
N LEU B 45 -33.69 4.76 -6.29
CA LEU B 45 -34.85 5.58 -5.96
C LEU B 45 -34.65 7.06 -6.27
N SER B 46 -33.41 7.54 -6.18
CA SER B 46 -33.12 8.94 -6.46
C SER B 46 -33.49 9.35 -7.88
N GLN B 47 -33.69 8.37 -8.75
CA GLN B 47 -34.05 8.65 -10.14
C GLN B 47 -35.56 8.60 -10.40
N GLY B 48 -36.34 8.34 -9.34
CA GLY B 48 -37.78 8.28 -9.47
C GLY B 48 -38.39 6.98 -8.99
N ILE B 49 -39.47 7.07 -8.23
CA ILE B 49 -40.14 5.89 -7.71
C ILE B 49 -40.90 5.13 -8.79
N ALA B 50 -41.65 5.86 -9.61
CA ALA B 50 -42.41 5.22 -10.68
C ALA B 50 -41.47 4.53 -11.66
N LYS B 51 -40.34 5.18 -11.96
CA LYS B 51 -39.36 4.61 -12.89
C LYS B 51 -38.69 3.38 -12.27
N SER B 52 -38.47 3.45 -10.96
CA SER B 52 -37.84 2.35 -10.25
C SER B 52 -38.67 1.08 -10.41
N TRP B 53 -39.97 1.18 -10.10
CA TRP B 53 -40.86 0.04 -10.22
C TRP B 53 -40.95 -0.44 -11.65
N GLN B 54 -41.07 0.51 -12.59
CA GLN B 54 -41.16 0.15 -14.00
C GLN B 54 -39.91 -0.65 -14.34
N ALA B 55 -38.77 -0.21 -13.81
CA ALA B 55 -37.50 -0.88 -14.06
C ALA B 55 -37.48 -2.27 -13.44
N VAL B 56 -37.91 -2.38 -12.20
CA VAL B 56 -37.92 -3.68 -11.52
C VAL B 56 -38.90 -4.65 -12.17
N LEU B 57 -40.11 -4.15 -12.45
CA LEU B 57 -41.15 -4.98 -13.07
C LEU B 57 -40.77 -5.43 -14.46
N SER B 58 -40.26 -4.53 -15.29
CA SER B 58 -39.87 -4.89 -16.65
C SER B 58 -38.78 -5.97 -16.61
N THR B 59 -37.88 -5.87 -15.65
CA THR B 59 -36.79 -6.84 -15.51
C THR B 59 -37.32 -8.15 -14.95
N LEU B 60 -38.38 -8.09 -14.16
CA LEU B 60 -38.95 -9.29 -13.57
C LEU B 60 -39.71 -10.01 -14.70
N GLU B 61 -40.34 -9.21 -15.54
CA GLU B 61 -41.11 -9.70 -16.68
C GLU B 61 -40.19 -10.53 -17.57
N ALA B 62 -38.94 -10.10 -17.67
CA ALA B 62 -37.96 -10.82 -18.48
C ALA B 62 -37.49 -12.09 -17.77
N ALA B 63 -37.44 -12.03 -16.45
CA ALA B 63 -37.01 -13.19 -15.67
C ALA B 63 -37.90 -14.40 -15.96
N PHE B 64 -39.22 -14.22 -15.83
CA PHE B 64 -40.13 -15.33 -16.11
C PHE B 64 -39.95 -15.82 -17.54
N GLN B 65 -40.11 -14.92 -18.51
CA GLN B 65 -39.94 -15.30 -19.92
C GLN B 65 -38.68 -16.13 -20.11
N GLN B 66 -37.56 -15.62 -19.63
CA GLN B 66 -36.28 -16.31 -19.74
C GLN B 66 -36.33 -17.71 -19.14
N ALA B 67 -37.21 -17.90 -18.16
CA ALA B 67 -37.34 -19.19 -17.48
C ALA B 67 -38.50 -20.01 -18.03
N GLY B 68 -38.92 -19.68 -19.25
CA GLY B 68 -40.01 -20.40 -19.87
C GLY B 68 -41.25 -20.59 -19.02
N LEU B 69 -41.65 -19.55 -18.29
CA LEU B 69 -42.83 -19.63 -17.45
C LEU B 69 -43.72 -18.42 -17.69
N PRO B 70 -45.04 -18.59 -17.55
CA PRO B 70 -45.93 -17.44 -17.76
C PRO B 70 -45.80 -16.52 -16.55
N ALA B 71 -45.97 -15.23 -16.76
CA ALA B 71 -45.87 -14.28 -15.66
C ALA B 71 -46.86 -14.67 -14.58
N ALA B 72 -46.46 -14.56 -13.32
CA ALA B 72 -47.33 -14.91 -12.21
C ALA B 72 -47.89 -13.66 -11.53
N PRO B 73 -49.07 -13.77 -10.91
CA PRO B 73 -49.65 -12.61 -10.23
C PRO B 73 -48.80 -12.23 -9.01
N ALA B 74 -48.80 -10.95 -8.68
CA ALA B 74 -48.02 -10.45 -7.55
C ALA B 74 -48.31 -11.21 -6.25
N SER B 75 -49.57 -11.58 -6.05
CA SER B 75 -49.98 -12.29 -4.82
C SER B 75 -49.28 -13.64 -4.64
N ALA B 76 -48.70 -14.18 -5.71
CA ALA B 76 -48.01 -15.47 -5.62
C ALA B 76 -46.49 -15.30 -5.52
N CYS B 77 -46.03 -14.08 -5.23
CA CYS B 77 -44.59 -13.84 -5.13
C CYS B 77 -44.13 -13.13 -3.87
N ALA B 78 -42.95 -13.53 -3.39
CA ALA B 78 -42.29 -12.93 -2.24
C ALA B 78 -41.10 -12.22 -2.87
N ILE B 79 -40.96 -10.93 -2.59
CA ILE B 79 -39.88 -10.16 -3.19
C ILE B 79 -39.05 -9.37 -2.21
N GLY B 80 -37.73 -9.57 -2.29
CA GLY B 80 -36.81 -8.85 -1.43
C GLY B 80 -35.96 -7.98 -2.34
N LEU B 81 -35.82 -6.70 -2.00
CA LEU B 81 -35.04 -5.81 -2.84
C LEU B 81 -34.02 -4.98 -2.08
N GLY B 82 -32.84 -4.88 -2.66
CA GLY B 82 -31.77 -4.06 -2.09
C GLY B 82 -31.60 -2.97 -3.13
N LEU B 83 -32.16 -1.79 -2.87
CA LEU B 83 -32.10 -0.69 -3.82
C LEU B 83 -31.33 0.51 -3.29
N SER B 84 -30.74 1.27 -4.22
CA SER B 84 -30.02 2.48 -3.84
C SER B 84 -31.07 3.54 -3.55
N GLY B 85 -30.89 4.24 -2.43
CA GLY B 85 -31.85 5.27 -2.07
C GLY B 85 -32.80 4.88 -0.96
N VAL B 86 -32.69 3.68 -0.42
CA VAL B 86 -33.58 3.25 0.65
C VAL B 86 -33.30 4.00 1.97
N HIS B 87 -32.11 4.56 2.11
CA HIS B 87 -31.77 5.32 3.32
C HIS B 87 -32.76 6.46 3.51
N ASN B 88 -33.28 6.97 2.40
CA ASN B 88 -34.25 8.06 2.42
C ASN B 88 -35.65 7.54 2.73
N ARG B 89 -36.09 7.77 3.98
CA ARG B 89 -37.39 7.34 4.45
C ARG B 89 -38.54 7.67 3.52
N GLN B 90 -38.53 8.87 2.96
CA GLN B 90 -39.58 9.32 2.06
C GLN B 90 -39.67 8.55 0.75
N TRP B 91 -38.51 8.23 0.16
CA TRP B 91 -38.49 7.49 -1.09
C TRP B 91 -38.94 6.05 -0.89
N ALA B 92 -38.53 5.46 0.24
CA ALA B 92 -38.89 4.08 0.55
C ALA B 92 -40.40 3.94 0.73
N GLY B 93 -41.01 4.95 1.35
CA GLY B 93 -42.45 4.93 1.56
C GLY B 93 -43.23 4.98 0.27
N GLU B 94 -42.92 5.95 -0.60
CA GLU B 94 -43.64 6.04 -1.87
C GLU B 94 -43.45 4.75 -2.65
N PHE B 95 -42.26 4.16 -2.52
CA PHE B 95 -41.93 2.92 -3.24
C PHE B 95 -42.77 1.76 -2.73
N GLU B 96 -42.88 1.65 -1.41
CA GLU B 96 -43.68 0.61 -0.80
C GLU B 96 -45.16 0.84 -1.11
N SER B 97 -45.54 2.12 -1.15
CA SER B 97 -46.92 2.52 -1.43
C SER B 97 -47.31 2.22 -2.87
N GLN B 98 -46.42 2.49 -3.82
CA GLN B 98 -46.69 2.24 -5.22
C GLN B 98 -46.44 0.78 -5.61
N ALA B 99 -46.17 -0.05 -4.62
CA ALA B 99 -45.87 -1.47 -4.86
C ALA B 99 -47.05 -2.35 -5.19
N PRO B 100 -46.85 -3.31 -6.11
CA PRO B 100 -47.90 -4.25 -6.52
C PRO B 100 -48.25 -5.09 -5.29
N GLY B 101 -49.28 -5.91 -5.40
CA GLY B 101 -49.69 -6.72 -4.25
C GLY B 101 -48.89 -7.99 -4.04
N PHE B 102 -47.59 -7.88 -3.82
CA PHE B 102 -46.77 -9.07 -3.60
C PHE B 102 -47.16 -9.74 -2.28
N ALA B 103 -47.08 -11.06 -2.23
CA ALA B 103 -47.42 -11.80 -1.01
C ALA B 103 -46.61 -11.23 0.15
N ARG B 104 -45.36 -10.89 -0.15
CA ARG B 104 -44.45 -10.30 0.82
C ARG B 104 -43.39 -9.46 0.09
N LEU B 105 -43.09 -8.30 0.65
CA LEU B 105 -42.08 -7.41 0.08
C LEU B 105 -41.16 -6.99 1.21
N SER B 106 -39.86 -7.12 0.96
CA SER B 106 -38.86 -6.75 1.96
C SER B 106 -37.89 -5.79 1.27
N LEU B 107 -37.87 -4.56 1.76
CA LEU B 107 -37.03 -3.53 1.17
C LEU B 107 -35.84 -3.18 2.03
N ALA B 108 -34.64 -3.22 1.45
CA ALA B 108 -33.43 -2.86 2.16
C ALA B 108 -32.53 -2.06 1.22
N THR B 109 -31.37 -1.64 1.71
CA THR B 109 -30.46 -0.88 0.87
C THR B 109 -29.57 -1.77 0.02
N ASP B 110 -29.04 -1.12 -1.01
CA ASP B 110 -28.09 -1.62 -1.99
C ASP B 110 -27.00 -2.37 -1.21
N GLY B 111 -26.44 -1.69 -0.21
CA GLY B 111 -25.37 -2.24 0.58
C GLY B 111 -25.72 -3.38 1.50
N TYR B 112 -26.91 -3.34 2.09
CA TYR B 112 -27.31 -4.41 3.00
C TYR B 112 -27.45 -5.74 2.26
N THR B 113 -28.10 -5.74 1.11
CA THR B 113 -28.23 -6.99 0.38
C THR B 113 -26.89 -7.48 -0.14
N THR B 114 -25.96 -6.55 -0.38
CA THR B 114 -24.62 -6.94 -0.86
C THR B 114 -23.93 -7.60 0.31
N LEU B 115 -24.12 -7.06 1.51
CA LEU B 115 -23.54 -7.62 2.71
C LEU B 115 -24.05 -9.06 2.90
N LEU B 116 -25.37 -9.23 2.89
CA LEU B 116 -26.00 -10.54 3.08
C LEU B 116 -25.51 -11.57 2.07
N GLY B 117 -25.35 -11.15 0.82
CA GLY B 117 -24.87 -12.07 -0.19
C GLY B 117 -23.40 -12.40 -0.08
N ALA B 118 -22.60 -11.41 0.30
CA ALA B 118 -21.15 -11.61 0.42
C ALA B 118 -20.79 -12.67 1.45
N HIS B 119 -21.51 -12.70 2.56
CA HIS B 119 -21.23 -13.66 3.61
C HIS B 119 -22.35 -14.68 3.84
N GLY B 120 -23.12 -14.96 2.78
CA GLY B 120 -24.20 -15.92 2.87
C GLY B 120 -25.10 -15.81 4.08
N GLY B 121 -25.40 -14.58 4.50
CA GLY B 121 -26.27 -14.36 5.64
C GLY B 121 -25.60 -14.44 6.99
N GLN B 122 -24.31 -14.78 7.00
CA GLN B 122 -23.56 -14.88 8.25
C GLN B 122 -22.92 -13.56 8.64
N PRO B 123 -22.59 -13.39 9.92
CA PRO B 123 -21.96 -12.14 10.35
C PRO B 123 -20.76 -11.81 9.46
N GLY B 124 -20.52 -10.52 9.28
CA GLY B 124 -19.42 -10.10 8.45
C GLY B 124 -19.52 -8.64 8.09
N ILE B 125 -18.52 -8.16 7.38
CA ILE B 125 -18.45 -6.76 6.97
C ILE B 125 -18.14 -6.69 5.50
N ILE B 126 -18.61 -5.63 4.87
CA ILE B 126 -18.26 -5.41 3.48
C ILE B 126 -17.97 -3.92 3.34
N VAL B 127 -17.10 -3.58 2.41
CA VAL B 127 -16.81 -2.19 2.14
C VAL B 127 -17.03 -2.15 0.63
N ALA B 128 -17.98 -1.33 0.20
CA ALA B 128 -18.30 -1.22 -1.21
C ALA B 128 -17.79 0.08 -1.80
N LEU B 129 -16.92 -0.03 -2.80
CA LEU B 129 -16.35 1.16 -3.46
C LEU B 129 -16.73 1.21 -4.93
N GLY B 130 -17.51 2.22 -5.30
CA GLY B 130 -17.93 2.41 -6.67
C GLY B 130 -17.96 3.91 -6.88
N THR B 131 -19.01 4.43 -7.51
CA THR B 131 -19.11 5.87 -7.70
C THR B 131 -19.15 6.48 -6.29
N GLY B 132 -19.76 5.74 -5.37
CA GLY B 132 -19.85 6.18 -3.99
C GLY B 132 -19.19 5.11 -3.13
N SER B 133 -19.39 5.16 -1.82
CA SER B 133 -18.80 4.16 -0.94
C SER B 133 -19.56 3.98 0.37
N ILE B 134 -19.47 2.78 0.93
CA ILE B 134 -20.13 2.48 2.18
C ILE B 134 -19.61 1.19 2.81
N GLY B 135 -19.75 1.09 4.12
CA GLY B 135 -19.35 -0.10 4.84
C GLY B 135 -20.59 -0.61 5.53
N GLU B 136 -20.81 -1.92 5.52
CA GLU B 136 -21.98 -2.48 6.20
C GLU B 136 -21.56 -3.70 7.01
N ALA B 137 -22.14 -3.86 8.19
CA ALA B 137 -21.78 -5.00 9.03
C ALA B 137 -22.97 -5.68 9.65
N LEU B 138 -22.86 -7.01 9.76
CA LEU B 138 -23.88 -7.85 10.38
C LEU B 138 -23.14 -8.54 11.52
N TYR B 139 -23.58 -8.32 12.76
CA TYR B 139 -22.92 -8.90 13.91
C TYR B 139 -23.53 -10.24 14.33
N PRO B 140 -22.76 -11.06 15.05
CA PRO B 140 -23.30 -12.35 15.48
C PRO B 140 -24.57 -12.25 16.33
N ASP B 141 -24.76 -11.13 17.02
CA ASP B 141 -25.95 -10.98 17.84
C ASP B 141 -27.18 -10.62 17.02
N GLY B 142 -27.01 -10.56 15.71
CA GLY B 142 -28.12 -10.22 14.83
C GLY B 142 -28.19 -8.76 14.39
N SER B 143 -27.45 -7.89 15.09
CA SER B 143 -27.43 -6.46 14.77
C SER B 143 -26.75 -6.14 13.45
N HIS B 144 -26.95 -4.92 12.98
CA HIS B 144 -26.37 -4.43 11.75
C HIS B 144 -26.01 -2.95 11.89
N ARG B 145 -24.86 -2.57 11.33
CA ARG B 145 -24.39 -1.19 11.39
C ARG B 145 -23.78 -0.75 10.06
N GLU B 146 -23.65 0.56 9.91
CA GLU B 146 -23.07 1.17 8.71
C GLU B 146 -22.03 2.20 9.11
N ALA B 147 -21.13 2.49 8.19
CA ALA B 147 -20.07 3.50 8.36
C ALA B 147 -19.78 3.97 6.94
N GLY B 148 -19.48 5.25 6.78
CA GLY B 148 -19.24 5.77 5.45
C GLY B 148 -20.61 5.90 4.81
N GLY B 149 -20.67 6.10 3.51
CA GLY B 149 -21.97 6.21 2.85
C GLY B 149 -22.87 7.36 3.27
N TRP B 150 -22.28 8.51 3.63
CA TRP B 150 -23.07 9.66 4.03
C TRP B 150 -23.45 10.53 2.84
N GLY B 151 -22.76 10.37 1.71
CA GLY B 151 -23.11 11.17 0.55
C GLY B 151 -22.03 12.00 -0.08
N TYR B 152 -22.04 11.95 -1.41
CA TYR B 152 -21.13 12.60 -2.36
C TYR B 152 -20.20 13.77 -2.06
N PRO B 153 -20.74 14.96 -1.83
CA PRO B 153 -19.79 16.05 -1.59
C PRO B 153 -18.84 15.82 -0.40
N SER B 154 -19.42 15.85 0.80
CA SER B 154 -18.68 15.73 2.05
C SER B 154 -18.18 14.34 2.45
N GLY B 155 -18.92 13.30 2.06
CA GLY B 155 -18.55 11.96 2.42
C GLY B 155 -18.04 11.16 1.24
N ASP B 156 -18.45 9.90 1.18
CA ASP B 156 -18.04 9.02 0.10
C ASP B 156 -16.53 8.94 -0.10
N GLU B 157 -15.80 8.84 1.01
CA GLU B 157 -14.34 8.73 0.97
C GLU B 157 -13.98 7.44 0.22
N ALA B 158 -12.84 7.46 -0.47
CA ALA B 158 -12.36 6.30 -1.24
C ALA B 158 -13.32 5.82 -2.32
N SER B 159 -14.15 6.70 -2.88
CA SER B 159 -15.13 6.29 -3.84
C SER B 159 -14.49 6.84 -5.13
N GLY B 160 -15.04 6.68 -6.33
CA GLY B 160 -14.31 7.24 -7.44
C GLY B 160 -14.70 8.69 -7.59
N ALA B 161 -15.84 9.07 -7.03
CA ALA B 161 -16.26 10.47 -7.10
C ALA B 161 -15.30 11.27 -6.23
N TRP B 162 -14.86 10.68 -5.12
CA TRP B 162 -13.92 11.36 -4.23
C TRP B 162 -12.60 11.56 -4.99
N LEU B 163 -12.14 10.51 -5.67
CA LEU B 163 -10.90 10.56 -6.43
C LEU B 163 -11.00 11.57 -7.57
N GLY B 164 -12.16 11.60 -8.22
CA GLY B 164 -12.38 12.53 -9.31
C GLY B 164 -12.33 13.97 -8.84
N GLN B 165 -12.99 14.26 -7.73
CA GLN B 165 -12.99 15.62 -7.17
C GLN B 165 -11.55 16.08 -6.88
N ARG B 166 -10.78 15.21 -6.23
CA ARG B 166 -9.40 15.53 -5.89
C ARG B 166 -8.57 15.72 -7.14
N ALA B 167 -8.77 14.84 -8.12
CA ALA B 167 -8.03 14.92 -9.38
C ALA B 167 -8.33 16.23 -10.08
N ALA B 168 -9.62 16.59 -10.10
CA ALA B 168 -10.04 17.82 -10.75
C ALA B 168 -9.45 19.03 -10.02
N GLN B 169 -9.44 18.98 -8.69
CA GLN B 169 -8.89 20.06 -7.88
C GLN B 169 -7.41 20.28 -8.18
N LEU B 170 -6.66 19.19 -8.27
CA LEU B 170 -5.23 19.25 -8.56
C LEU B 170 -5.00 19.89 -9.92
N THR B 171 -5.82 19.51 -10.88
CA THR B 171 -5.68 20.06 -12.22
C THR B 171 -6.02 21.55 -12.24
N GLN B 172 -7.07 21.92 -11.51
CA GLN B 172 -7.47 23.33 -11.42
C GLN B 172 -6.29 24.12 -10.86
N ALA B 174 -3.18 23.36 -11.06
CA ALA B 174 -2.12 23.41 -12.05
C ALA B 174 -2.45 24.47 -13.10
N LEU B 175 -3.74 24.61 -13.40
CA LEU B 175 -4.18 25.59 -14.39
C LEU B 175 -3.99 27.03 -13.93
N ASP B 176 -4.22 27.31 -12.65
CA ASP B 176 -4.07 28.69 -12.21
C ASP B 176 -2.76 29.04 -11.50
N GLY B 177 -1.80 28.13 -11.56
CA GLY B 177 -0.50 28.39 -10.98
C GLY B 177 -0.26 28.04 -9.52
N ARG B 178 -1.29 27.65 -8.80
CA ARG B 178 -1.10 27.30 -7.40
C ARG B 178 -0.21 26.07 -7.29
N HIS B 179 -0.19 25.27 -8.35
CA HIS B 179 0.64 24.05 -8.44
C HIS B 179 1.17 23.95 -9.85
N SER B 180 2.17 23.10 -10.05
CA SER B 180 2.68 22.92 -11.39
C SER B 180 2.01 21.65 -11.94
N HIS B 181 2.05 21.47 -13.25
CA HIS B 181 1.45 20.29 -13.85
C HIS B 181 2.23 19.04 -13.54
N SER B 182 1.55 17.90 -13.63
CA SER B 182 2.15 16.60 -13.39
C SER B 182 1.39 15.67 -14.34
N PRO B 183 1.83 14.41 -14.48
CA PRO B 183 1.12 13.52 -15.40
C PRO B 183 -0.40 13.42 -15.19
N LEU B 184 -0.86 13.28 -13.96
CA LEU B 184 -2.30 13.17 -13.70
C LEU B 184 -3.01 14.43 -14.19
N THR B 185 -2.42 15.54 -13.80
CA THR B 185 -2.92 16.86 -14.12
C THR B 185 -3.05 17.08 -15.64
N ARG B 186 -2.06 16.65 -16.42
CA ARG B 186 -2.15 16.80 -17.86
C ARG B 186 -3.18 15.84 -18.46
N ALA B 187 -3.27 14.64 -17.90
CA ALA B 187 -4.23 13.64 -18.39
C ALA B 187 -5.65 14.13 -18.14
N VAL B 188 -5.89 14.69 -16.96
CA VAL B 188 -7.22 15.21 -16.63
C VAL B 188 -7.58 16.41 -17.52
N LEU B 189 -6.62 17.27 -17.79
CA LEU B 189 -6.88 18.45 -18.62
C LEU B 189 -7.29 18.05 -20.04
N ASP B 190 -6.66 17.03 -20.60
CA ASP B 190 -7.02 16.58 -21.94
C ASP B 190 -8.39 15.93 -21.91
N PHE B 191 -8.62 15.11 -20.89
CA PHE B 191 -9.88 14.40 -20.74
C PHE B 191 -11.03 15.39 -20.70
N VAL B 192 -10.79 16.48 -19.99
CA VAL B 192 -11.77 17.52 -19.78
C VAL B 192 -12.06 18.40 -21.01
N GLY B 193 -11.10 18.51 -21.92
CA GLY B 193 -11.30 19.34 -23.11
C GLY B 193 -10.02 20.02 -23.56
N GLY B 194 -8.98 19.98 -22.73
CA GLY B 194 -7.71 20.58 -23.12
C GLY B 194 -7.35 21.99 -22.66
N ASP B 195 -8.26 22.73 -22.05
CA ASP B 195 -7.92 24.08 -21.62
C ASP B 195 -8.72 24.62 -20.43
N TRP B 196 -8.38 25.85 -20.00
CA TRP B 196 -9.01 26.53 -18.87
C TRP B 196 -10.53 26.42 -18.95
N GLN B 197 -11.08 27.05 -19.98
CA GLN B 197 -12.52 27.07 -20.23
C GLN B 197 -13.13 25.68 -20.08
N ALA B 198 -12.48 24.68 -20.67
CA ALA B 198 -12.98 23.32 -20.62
C ALA B 198 -13.12 22.82 -19.18
N ALA B 201 -16.11 24.73 -17.47
CA ALA B 201 -17.41 24.23 -17.93
C ALA B 201 -17.67 22.84 -17.35
N TRP B 202 -16.67 21.97 -17.50
CA TRP B 202 -16.76 20.62 -17.00
C TRP B 202 -17.10 20.61 -15.50
N ASN B 203 -16.31 21.33 -14.70
CA ASN B 203 -16.55 21.37 -13.26
C ASN B 203 -17.88 22.02 -12.93
N GLY B 204 -18.35 22.90 -13.81
CA GLY B 204 -19.62 23.57 -13.59
C GLY B 204 -20.80 22.61 -13.59
N ARG B 205 -20.79 21.63 -14.50
CA ARG B 205 -21.89 20.66 -14.59
C ARG B 205 -21.55 19.28 -13.99
N ALA B 206 -20.50 19.22 -13.18
CA ALA B 206 -20.10 17.95 -12.60
C ALA B 206 -21.10 17.33 -11.63
N THR B 207 -21.18 16.00 -11.68
CA THR B 207 -22.06 15.20 -10.84
C THR B 207 -21.18 14.09 -10.29
N PRO B 208 -21.68 13.31 -9.32
CA PRO B 208 -20.84 12.23 -8.78
C PRO B 208 -20.34 11.30 -9.87
N ALA B 209 -21.22 10.95 -10.82
CA ALA B 209 -20.84 10.06 -11.91
C ALA B 209 -19.79 10.69 -12.84
N GLN B 210 -19.82 11.99 -13.01
CA GLN B 210 -18.84 12.65 -13.87
C GLN B 210 -17.47 12.66 -13.19
N PHE B 211 -17.44 12.95 -11.88
CA PHE B 211 -16.18 12.96 -11.16
C PHE B 211 -15.59 11.55 -11.16
N ALA B 212 -16.46 10.56 -10.98
CA ALA B 212 -16.01 9.17 -10.94
C ALA B 212 -15.35 8.75 -12.24
N ARG B 213 -15.66 9.41 -13.35
CA ARG B 213 -15.06 9.05 -14.64
C ARG B 213 -13.58 9.44 -14.68
N LEU B 214 -13.14 10.16 -13.67
CA LEU B 214 -11.75 10.58 -13.60
C LEU B 214 -10.93 9.52 -12.83
N ALA B 215 -11.61 8.68 -12.06
CA ALA B 215 -10.94 7.65 -11.25
C ALA B 215 -9.94 6.81 -12.06
N PRO B 216 -10.34 6.33 -13.25
CA PRO B 216 -9.37 5.54 -14.00
C PRO B 216 -8.14 6.35 -14.41
N LEU B 217 -8.30 7.67 -14.55
CA LEU B 217 -7.15 8.52 -14.90
C LEU B 217 -6.19 8.60 -13.69
N VAL B 218 -6.74 8.54 -12.48
CA VAL B 218 -5.88 8.57 -11.30
C VAL B 218 -5.09 7.25 -11.23
N LEU B 219 -5.75 6.14 -11.54
CA LEU B 219 -5.12 4.81 -11.55
C LEU B 219 -3.93 4.73 -12.51
N SER B 220 -4.12 5.17 -13.75
CA SER B 220 -3.05 5.13 -14.72
C SER B 220 -1.91 6.06 -14.33
N ALA B 221 -2.26 7.28 -13.93
CA ALA B 221 -1.27 8.25 -13.54
C ALA B 221 -0.47 7.92 -12.27
N ALA B 222 -1.07 7.18 -11.33
CA ALA B 222 -0.42 6.84 -10.06
C ALA B 222 0.93 6.12 -10.12
N ARG B 223 1.18 5.40 -11.22
CA ARG B 223 2.44 4.70 -11.33
C ARG B 223 3.58 5.60 -11.79
N VAL B 224 3.27 6.82 -12.20
CA VAL B 224 4.32 7.75 -12.63
C VAL B 224 4.20 9.10 -11.89
N ASP B 225 3.06 9.34 -11.25
CA ASP B 225 2.81 10.60 -10.57
C ASP B 225 2.60 10.45 -9.06
N PRO B 226 3.49 10.99 -8.23
CA PRO B 226 3.31 10.85 -6.79
C PRO B 226 2.00 11.47 -6.26
N GLU B 227 1.44 12.44 -6.98
CA GLU B 227 0.20 13.11 -6.57
C GLU B 227 -0.97 12.12 -6.69
N ALA B 228 -1.02 11.38 -7.79
CA ALA B 228 -2.08 10.40 -7.99
C ALA B 228 -1.85 9.24 -7.02
N ASP B 229 -0.59 8.89 -6.79
CA ASP B 229 -0.28 7.79 -5.88
C ASP B 229 -0.81 8.08 -4.47
N ALA B 230 -0.72 9.33 -4.03
CA ALA B 230 -1.18 9.72 -2.69
C ALA B 230 -2.71 9.62 -2.57
N LEU B 231 -3.42 9.95 -3.65
CA LEU B 231 -4.87 9.86 -3.66
C LEU B 231 -5.32 8.42 -3.48
N LEU B 232 -4.71 7.51 -4.24
CA LEU B 232 -5.02 6.09 -4.18
C LEU B 232 -4.70 5.54 -2.79
N ARG B 233 -3.56 5.94 -2.25
CA ARG B 233 -3.13 5.51 -0.91
C ARG B 233 -4.10 6.04 0.16
N GLN B 234 -4.55 7.27 0.00
CA GLN B 234 -5.49 7.83 0.96
C GLN B 234 -6.81 7.05 0.86
N ALA B 235 -7.22 6.71 -0.35
CA ALA B 235 -8.46 5.95 -0.52
C ALA B 235 -8.29 4.60 0.21
N GLY B 236 -7.11 4.00 0.07
CA GLY B 236 -6.85 2.75 0.74
C GLY B 236 -6.99 2.87 2.25
N GLU B 237 -6.38 3.90 2.83
CA GLU B 237 -6.47 4.09 4.27
C GLU B 237 -7.91 4.33 4.71
N ASP B 238 -8.65 5.14 3.95
CA ASP B 238 -10.06 5.42 4.29
C ASP B 238 -10.91 4.17 4.23
N ALA B 239 -10.62 3.29 3.26
CA ALA B 239 -11.37 2.04 3.11
C ALA B 239 -11.14 1.25 4.39
N TRP B 240 -9.87 1.16 4.80
CA TRP B 240 -9.54 0.43 6.02
C TRP B 240 -10.25 1.06 7.22
N ALA B 241 -10.25 2.38 7.26
CA ALA B 241 -10.88 3.09 8.37
C ALA B 241 -12.37 2.76 8.48
N ILE B 242 -13.04 2.63 7.33
CA ILE B 242 -14.46 2.28 7.32
C ILE B 242 -14.62 0.92 7.98
N ALA B 243 -13.83 -0.04 7.53
CA ALA B 243 -13.86 -1.38 8.08
C ALA B 243 -13.54 -1.42 9.58
N ARG B 244 -12.52 -0.69 10.02
CA ARG B 244 -12.16 -0.73 11.44
C ARG B 244 -13.23 -0.14 12.35
N ALA B 245 -13.99 0.82 11.85
CA ALA B 245 -15.05 1.42 12.64
C ALA B 245 -16.16 0.39 12.89
N LEU B 246 -16.38 -0.49 11.91
CA LEU B 246 -17.42 -1.51 12.05
C LEU B 246 -16.93 -2.75 12.82
N ASP B 247 -15.62 -2.97 12.85
CA ASP B 247 -15.06 -4.14 13.52
C ASP B 247 -13.65 -3.79 14.03
N PRO B 248 -13.58 -3.08 15.17
CA PRO B 248 -12.31 -2.65 15.78
C PRO B 248 -11.30 -3.74 16.12
N GLN B 249 -11.77 -4.96 16.33
CA GLN B 249 -10.84 -6.02 16.66
C GLN B 249 -10.69 -7.07 15.57
N ASP B 250 -11.10 -6.72 14.35
CA ASP B 250 -11.00 -7.64 13.22
C ASP B 250 -11.51 -9.03 13.59
N GLU B 251 -12.71 -9.09 14.15
CA GLU B 251 -13.31 -10.35 14.55
C GLU B 251 -14.13 -11.01 13.43
N LEU B 252 -14.70 -10.20 12.55
CA LEU B 252 -15.55 -10.71 11.47
C LEU B 252 -14.89 -10.77 10.10
N PRO B 253 -15.42 -11.61 9.20
CA PRO B 253 -14.88 -11.75 7.84
C PRO B 253 -15.12 -10.42 7.11
N VAL B 254 -14.30 -10.12 6.13
CA VAL B 254 -14.45 -8.88 5.39
C VAL B 254 -14.27 -9.06 3.90
N ALA B 255 -15.16 -8.45 3.12
CA ALA B 255 -15.05 -8.54 1.67
C ALA B 255 -15.08 -7.12 1.09
N LEU B 256 -14.26 -6.87 0.08
CA LEU B 256 -14.19 -5.56 -0.58
C LEU B 256 -14.97 -5.67 -1.89
N CYS B 257 -16.13 -5.04 -1.98
CA CYS B 257 -16.97 -5.12 -3.19
C CYS B 257 -16.87 -3.89 -4.09
N GLY B 258 -17.01 -4.10 -5.39
CA GLY B 258 -16.95 -3.00 -6.33
C GLY B 258 -15.77 -3.04 -7.29
N GLY B 259 -15.98 -2.56 -8.51
CA GLY B 259 -14.92 -2.55 -9.51
C GLY B 259 -13.75 -1.69 -9.09
N LEU B 260 -14.05 -0.55 -8.46
CA LEU B 260 -13.00 0.36 -8.01
C LEU B 260 -12.14 -0.39 -7.00
N GLY B 261 -12.80 -1.17 -6.14
CA GLY B 261 -12.09 -1.95 -5.14
C GLY B 261 -11.06 -2.91 -5.70
N GLN B 262 -11.38 -3.56 -6.83
CA GLN B 262 -10.45 -4.50 -7.44
C GLN B 262 -9.27 -3.75 -8.05
N ALA B 263 -9.55 -2.59 -8.64
CA ALA B 263 -8.49 -1.80 -9.27
C ALA B 263 -7.56 -1.13 -8.25
N LEU B 264 -8.06 -0.91 -7.04
CA LEU B 264 -7.31 -0.25 -5.97
C LEU B 264 -6.49 -1.20 -5.10
N ARG B 265 -6.62 -2.50 -5.32
CA ARG B 265 -5.92 -3.47 -4.50
C ARG B 265 -4.48 -3.18 -4.09
N ASP B 266 -3.61 -2.76 -5.01
CA ASP B 266 -2.23 -2.51 -4.64
C ASP B 266 -2.01 -1.34 -3.67
N TRP B 267 -3.03 -0.52 -3.44
CA TRP B 267 -2.88 0.64 -2.57
C TRP B 267 -3.59 0.44 -1.26
N LEU B 268 -4.15 -0.75 -1.09
CA LEU B 268 -4.84 -1.10 0.15
C LEU B 268 -3.76 -1.42 1.18
N PRO B 269 -3.98 -1.00 2.44
CA PRO B 269 -2.97 -1.33 3.44
C PRO B 269 -2.81 -2.85 3.47
N PRO B 270 -1.56 -3.34 3.44
CA PRO B 270 -1.29 -4.79 3.46
C PRO B 270 -2.06 -5.55 4.54
N GLY B 271 -2.11 -4.99 5.73
CA GLY B 271 -2.81 -5.63 6.84
C GLY B 271 -4.31 -5.75 6.66
N PHE B 272 -4.86 -4.93 5.78
CA PHE B 272 -6.30 -4.97 5.51
C PHE B 272 -6.53 -5.90 4.33
N ARG B 273 -5.69 -5.80 3.31
CA ARG B 273 -5.82 -6.63 2.13
C ARG B 273 -5.73 -8.12 2.47
N GLN B 274 -4.79 -8.48 3.33
CA GLN B 274 -4.56 -9.86 3.74
C GLN B 274 -5.79 -10.54 4.31
N ARG B 275 -6.71 -9.76 4.86
CA ARG B 275 -7.93 -10.30 5.46
C ARG B 275 -9.15 -10.39 4.54
N LEU B 276 -9.04 -9.90 3.32
CA LEU B 276 -10.16 -9.93 2.38
C LEU B 276 -10.51 -11.33 1.91
N VAL B 277 -11.81 -11.59 1.78
CA VAL B 277 -12.33 -12.87 1.34
C VAL B 277 -13.29 -12.61 0.19
N ALA B 278 -13.37 -13.53 -0.76
CA ALA B 278 -14.28 -13.34 -1.89
C ALA B 278 -15.71 -13.48 -1.37
N PRO B 279 -16.62 -12.64 -1.89
CA PRO B 279 -18.02 -12.72 -1.44
C PRO B 279 -18.65 -14.01 -1.94
N GLN B 280 -19.49 -14.62 -1.11
CA GLN B 280 -20.16 -15.86 -1.45
C GLN B 280 -21.25 -15.67 -2.51
N GLY B 281 -21.97 -14.55 -2.44
CA GLY B 281 -23.01 -14.28 -3.42
C GLY B 281 -23.14 -12.79 -3.72
N ASP B 282 -23.84 -12.45 -4.79
CA ASP B 282 -24.03 -11.06 -5.16
C ASP B 282 -25.22 -10.41 -4.42
N SER B 283 -25.44 -9.13 -4.68
CA SER B 283 -26.53 -8.41 -4.03
C SER B 283 -27.90 -9.07 -4.26
N ALA B 284 -28.19 -9.45 -5.50
CA ALA B 284 -29.46 -10.08 -5.83
C ALA B 284 -29.65 -11.33 -4.99
N GLN B 285 -28.56 -12.04 -4.73
CA GLN B 285 -28.63 -13.25 -3.92
C GLN B 285 -29.00 -12.83 -2.51
N GLY B 286 -28.33 -11.78 -2.03
CA GLY B 286 -28.58 -11.26 -0.69
C GLY B 286 -30.03 -10.83 -0.53
N ALA B 287 -30.60 -10.28 -1.59
CA ALA B 287 -31.99 -9.82 -1.56
C ALA B 287 -32.90 -11.03 -1.28
N LEU B 288 -32.54 -12.19 -1.83
CA LEU B 288 -33.31 -13.41 -1.60
C LEU B 288 -33.25 -13.76 -0.13
N LEU B 289 -32.06 -13.67 0.46
CA LEU B 289 -31.91 -13.99 1.89
C LEU B 289 -32.75 -13.07 2.76
N LEU B 290 -33.03 -11.87 2.28
CA LEU B 290 -33.86 -10.93 3.05
C LEU B 290 -35.19 -11.56 3.44
N LEU B 291 -35.73 -12.39 2.56
CA LEU B 291 -37.01 -13.03 2.80
C LEU B 291 -36.91 -14.10 3.89
N GLN B 292 -35.69 -14.58 4.13
CA GLN B 292 -35.46 -15.62 5.14
C GLN B 292 -35.10 -15.06 6.51
N ARG B 293 -35.51 -13.82 6.79
CA ARG B 293 -35.18 -13.19 8.07
C ARG B 293 -36.29 -12.22 8.49
N PRO B 294 -36.24 -11.72 9.73
CA PRO B 294 -37.26 -10.77 10.23
C PRO B 294 -37.19 -9.41 9.54
N SER B 295 -38.26 -8.62 9.68
CA SER B 295 -38.31 -7.29 9.06
C SER B 295 -37.72 -6.21 9.97
#